data_6DM7
#
_entry.id   6DM7
#
loop_
_entity.id
_entity.type
_entity.pdbx_description
1 polymer "DNA (5'-D(*GP*GP*GP*GP*CP*GP*GP*GP*G)-3')"
2 polymer "DNA (5'-D(*CP*CP*CP*CP*GP*CP*CP*CP*C)-3')"
#
loop_
_entity_poly.entity_id
_entity_poly.type
_entity_poly.pdbx_seq_one_letter_code
_entity_poly.pdbx_strand_id
1 'polydeoxyribonucleotide' (DG)(DG)(DG)(DG)(DC)(DG)(DG)(DG)(DG) A
2 'polydeoxyribonucleotide' (DC)(DC)(DC)(DC)(DG)(DC)(DC)(DC)(DC) B
#